data_7ADV
#
_entry.id   7ADV
#
_cell.length_a   158.610
_cell.length_b   158.610
_cell.length_c   122.950
_cell.angle_alpha   90.000
_cell.angle_beta   90.000
_cell.angle_gamma   90.000
#
_symmetry.space_group_name_H-M   'P 41 21 2'
#
loop_
_entity.id
_entity.type
_entity.pdbx_description
1 polymer Integrase
2 polymer "DNA (5'-D(*AP*TP*TP*GP*TP*CP*AP*TP*GP*GP*AP*AP*TP*TP*TP*CP*GP*CP*A)-3')"
3 polymer "DNA (5'-D(*TP*GP*CP*GP*AP*AP*AP*TP*TP*CP*CP*AP*TP*GP*AP*CP*A)-3')"
4 non-polymer 'MAGNESIUM ION'
5 non-polymer 'ZINC ION'
6 non-polymer 4-azanyl-~{N}-[[2,4-bis(fluoranyl)phenyl]methyl]-6-[2-(2-morpholin-4-ylethylsulfonyl)ethyl]-1-oxidanyl-2-oxidanylidene-1,8-naphthyridine-3-carboxamide
7 non-polymer 'SULFATE ION'
8 non-polymer GLYCEROL
9 water water
#
loop_
_entity_poly.entity_id
_entity_poly.type
_entity_poly.pdbx_seq_one_letter_code
_entity_poly.pdbx_strand_id
1 'polypeptide(L)'
;GPGCNTKKPNLDAELDQLLQGHYIKGYPKQYTYFLEDGKVKVSRPEGVKIIPPQSDRQKIVLQAHNLAHTGREATLLKIA
NLYWWPNMRKDVVKQLGRCQQCLITNASNKASGPILRPDRPQKPFDKFFIDYIGPLPPSQGYLYVLVVVDGMTGFTWLYP
TKAPSTSATVKSLNVLTSIAIPKVIHSDQGAAFTSSTFAEWAKERGIHLEFSTPYHPQSSGKVERKNSDIKRLLTKLLVG
RPTKWYDLLPVVQLALNNTYSPVLKYTPHQLLFGIDSNTPFANQDTLDLTREEELSLLQEIRTSLYHPSTPPASSRSWSP
VVGQLVQERVARPASLRPRWHKPSTVLKVLNPRTVVILDHLGNNRTVSIDNLKPTSHQNGTTNDTATMDHLEKNE
;
A,B
2 'polydeoxyribonucleotide' (DA)(DT)(DT)(DG)(DT)(DC)(DA)(DT)(DG)(DG)(DA)(DA)(DT)(DT)(DT)(DC)(DG)(DC)(DA) C
3 'polydeoxyribonucleotide' (DT)(DG)(DC)(DG)(DA)(DA)(DA)(DT)(DT)(DC)(DC)(DA)(DT)(DG)(DA)(DC)(DA) D
#
loop_
_chem_comp.id
_chem_comp.type
_chem_comp.name
_chem_comp.formula
DA DNA linking 2'-DEOXYADENOSINE-5'-MONOPHOSPHATE 'C10 H14 N5 O6 P'
DC DNA linking 2'-DEOXYCYTIDINE-5'-MONOPHOSPHATE 'C9 H14 N3 O7 P'
DG DNA linking 2'-DEOXYGUANOSINE-5'-MONOPHOSPHATE 'C10 H14 N5 O7 P'
DT DNA linking THYMIDINE-5'-MONOPHOSPHATE 'C10 H15 N2 O8 P'
GOL non-polymer GLYCEROL 'C3 H8 O3'
MG non-polymer 'MAGNESIUM ION' 'Mg 2'
R7N non-polymer 4-azanyl-~{N}-[[2,4-bis(fluoranyl)phenyl]methyl]-6-[2-(2-morpholin-4-ylethylsulfonyl)ethyl]-1-oxidanyl-2-oxidanylidene-1,8-naphthyridine-3-carboxamide 'C24 H27 F2 N5 O6 S'
SO4 non-polymer 'SULFATE ION' 'O4 S -2'
ZN non-polymer 'ZINC ION' 'Zn 2'
#
# COMPACT_ATOMS: atom_id res chain seq x y z
N ASP A 12 47.11 37.30 -22.92
CA ASP A 12 48.42 37.63 -23.44
C ASP A 12 48.81 39.06 -23.07
N ALA A 13 47.92 40.01 -23.38
CA ALA A 13 48.15 41.39 -22.98
C ALA A 13 48.08 41.54 -21.46
N GLU A 14 47.18 40.80 -20.81
CA GLU A 14 47.11 40.81 -19.36
C GLU A 14 48.41 40.33 -18.73
N LEU A 15 48.99 39.25 -19.28
CA LEU A 15 50.24 38.73 -18.77
C LEU A 15 51.43 39.62 -19.15
N ASP A 16 51.30 40.42 -20.20
CA ASP A 16 52.41 41.27 -20.62
C ASP A 16 52.74 42.32 -19.56
N GLN A 17 51.71 42.91 -18.95
CA GLN A 17 51.95 43.92 -17.93
C GLN A 17 52.55 43.32 -16.67
N LEU A 18 52.29 42.04 -16.42
CA LEU A 18 52.78 41.41 -15.20
C LEU A 18 54.29 41.20 -15.23
N LEU A 19 54.87 41.02 -16.42
CA LEU A 19 56.30 40.74 -16.52
C LEU A 19 57.14 41.97 -16.23
N GLN A 20 56.64 43.16 -16.54
CA GLN A 20 57.38 44.40 -16.32
C GLN A 20 57.17 44.98 -14.93
N GLY A 21 56.52 44.23 -14.03
CA GLY A 21 56.37 44.65 -12.65
C GLY A 21 55.06 45.31 -12.30
N HIS A 22 54.18 45.54 -13.28
CA HIS A 22 52.89 46.15 -12.99
C HIS A 22 51.99 45.18 -12.25
N TYR A 23 51.17 45.73 -11.35
CA TYR A 23 50.27 44.91 -10.56
C TYR A 23 48.98 44.62 -11.31
N ILE A 24 48.51 43.38 -11.21
CA ILE A 24 47.23 42.95 -11.75
C ILE A 24 46.47 42.23 -10.66
N LYS A 25 45.20 42.58 -10.48
CA LYS A 25 44.39 42.00 -9.41
C LYS A 25 44.31 40.49 -9.57
N GLY A 26 44.51 39.78 -8.45
CA GLY A 26 44.54 38.33 -8.42
C GLY A 26 45.94 37.76 -8.35
N TYR A 27 46.93 38.48 -8.89
CA TYR A 27 48.31 38.03 -8.84
C TYR A 27 49.02 38.75 -7.70
N PRO A 28 49.46 38.04 -6.65
CA PRO A 28 50.14 38.73 -5.54
C PRO A 28 51.44 39.37 -6.00
N LYS A 29 51.71 40.57 -5.47
CA LYS A 29 52.85 41.35 -5.92
C LYS A 29 54.17 40.78 -5.41
N GLN A 30 54.17 40.20 -4.22
CA GLN A 30 55.38 39.70 -3.57
C GLN A 30 56.00 38.47 -4.28
N TYR A 31 55.67 38.20 -5.55
CA TYR A 31 56.28 37.11 -6.29
C TYR A 31 56.95 37.64 -7.55
N THR A 32 58.05 37.00 -7.93
CA THR A 32 58.81 37.41 -9.11
C THR A 32 58.27 36.66 -10.33
N TYR A 33 57.50 37.37 -11.15
CA TYR A 33 56.97 36.81 -12.39
C TYR A 33 57.96 37.09 -13.52
N PHE A 34 58.50 36.03 -14.11
CA PHE A 34 59.51 36.15 -15.15
C PHE A 34 59.08 35.35 -16.38
N LEU A 35 59.95 35.33 -17.38
CA LEU A 35 59.73 34.61 -18.62
C LEU A 35 60.88 33.63 -18.85
N GLU A 36 60.55 32.43 -19.31
CA GLU A 36 61.56 31.41 -19.57
C GLU A 36 61.01 30.43 -20.59
N ASP A 37 61.76 30.23 -21.68
CA ASP A 37 61.36 29.35 -22.78
C ASP A 37 60.02 29.77 -23.38
N GLY A 38 59.81 31.09 -23.45
CA GLY A 38 58.61 31.62 -24.07
C GLY A 38 57.35 31.48 -23.25
N LYS A 39 57.46 31.17 -21.97
CA LYS A 39 56.30 30.95 -21.11
C LYS A 39 56.43 31.79 -19.85
N VAL A 40 55.33 32.44 -19.46
CA VAL A 40 55.33 33.20 -18.22
C VAL A 40 55.32 32.25 -17.04
N LYS A 41 56.28 32.43 -16.13
CA LYS A 41 56.43 31.56 -14.97
C LYS A 41 56.44 32.39 -13.70
N VAL A 42 56.40 31.70 -12.56
CA VAL A 42 56.40 32.34 -11.26
C VAL A 42 57.09 31.42 -10.26
N SER A 43 57.85 32.02 -9.35
CA SER A 43 58.57 31.26 -8.31
C SER A 43 57.68 31.21 -7.07
N ARG A 44 56.96 30.11 -6.91
CA ARG A 44 56.07 29.90 -5.79
C ARG A 44 56.71 28.96 -4.77
N PRO A 45 56.21 28.94 -3.53
CA PRO A 45 56.81 28.05 -2.53
C PRO A 45 56.86 26.59 -2.96
N GLU A 46 55.83 26.10 -3.65
CA GLU A 46 55.83 24.72 -4.12
C GLU A 46 56.79 24.49 -5.26
N GLY A 47 57.31 25.55 -5.88
CA GLY A 47 58.20 25.45 -7.01
C GLY A 47 57.80 26.41 -8.12
N VAL A 48 58.53 26.32 -9.21
CA VAL A 48 58.27 27.17 -10.38
C VAL A 48 57.11 26.59 -11.16
N LYS A 49 56.06 27.39 -11.36
CA LYS A 49 54.89 26.97 -12.10
C LYS A 49 54.68 27.90 -13.29
N ILE A 50 54.12 27.33 -14.35
CA ILE A 50 53.84 28.09 -15.56
C ILE A 50 52.50 28.81 -15.41
N ILE A 51 52.47 30.10 -15.70
CA ILE A 51 51.23 30.86 -15.71
C ILE A 51 50.72 30.93 -17.14
N PRO A 52 49.72 30.12 -17.51
CA PRO A 52 49.21 30.16 -18.87
C PRO A 52 48.31 31.35 -19.08
N PRO A 53 48.17 31.83 -20.31
CA PRO A 53 47.26 32.94 -20.57
C PRO A 53 45.82 32.55 -20.27
N GLN A 54 44.98 33.57 -20.11
CA GLN A 54 43.57 33.33 -19.81
C GLN A 54 42.91 32.49 -20.90
N SER A 55 43.29 32.70 -22.16
CA SER A 55 42.67 32.01 -23.28
C SER A 55 43.02 30.52 -23.31
N ASP A 56 44.02 30.07 -22.58
CA ASP A 56 44.42 28.67 -22.58
C ASP A 56 43.99 27.89 -21.34
N ARG A 57 43.39 28.57 -20.35
CA ARG A 57 43.14 27.90 -19.07
C ARG A 57 41.96 26.94 -19.13
N GLN A 58 40.96 27.21 -19.97
CA GLN A 58 39.83 26.29 -20.08
C GLN A 58 40.27 24.95 -20.67
N LYS A 59 41.13 24.98 -21.70
CA LYS A 59 41.60 23.74 -22.31
C LYS A 59 42.47 22.95 -21.35
N ILE A 60 43.25 23.64 -20.51
CA ILE A 60 44.14 22.95 -19.57
C ILE A 60 43.33 22.21 -18.51
N VAL A 61 42.33 22.88 -17.93
CA VAL A 61 41.47 22.22 -16.95
C VAL A 61 40.73 21.05 -17.58
N LEU A 62 40.35 21.19 -18.85
CA LEU A 62 39.64 20.11 -19.53
C LEU A 62 40.54 18.90 -19.74
N GLN A 63 41.80 19.12 -20.12
CA GLN A 63 42.72 18.01 -20.35
C GLN A 63 43.04 17.30 -19.03
N ALA A 64 43.25 18.05 -17.96
CA ALA A 64 43.55 17.44 -16.67
C ALA A 64 42.36 16.66 -16.14
N HIS A 65 41.15 17.20 -16.31
CA HIS A 65 39.96 16.49 -15.84
C HIS A 65 39.72 15.25 -16.69
N ASN A 66 39.87 15.35 -18.01
CA ASN A 66 39.54 14.24 -18.89
C ASN A 66 40.48 13.05 -18.74
N LEU A 67 41.60 13.19 -18.03
CA LEU A 67 42.49 12.07 -17.80
C LEU A 67 41.75 10.91 -17.15
N ALA A 68 41.08 11.17 -16.02
CA ALA A 68 40.30 10.14 -15.35
C ALA A 68 38.96 10.67 -14.86
N HIS A 69 38.50 11.79 -15.41
CA HIS A 69 37.23 12.41 -15.02
C HIS A 69 37.14 12.56 -13.51
N THR A 70 38.20 13.12 -12.94
CA THR A 70 38.33 13.26 -11.50
C THR A 70 37.57 14.50 -11.01
N GLY A 71 37.31 14.51 -9.70
CA GLY A 71 36.60 15.61 -9.08
C GLY A 71 37.47 16.83 -8.89
N ARG A 72 37.13 17.63 -7.89
CA ARG A 72 37.76 18.94 -7.72
C ARG A 72 39.23 18.81 -7.34
N GLU A 73 39.52 18.15 -6.22
CA GLU A 73 40.89 18.13 -5.70
C GLU A 73 41.80 17.26 -6.56
N ALA A 74 41.31 16.11 -7.03
CA ALA A 74 42.16 15.24 -7.83
C ALA A 74 42.46 15.84 -9.19
N THR A 75 41.60 16.73 -9.69
CA THR A 75 41.90 17.43 -10.93
C THR A 75 42.90 18.54 -10.71
N LEU A 76 42.71 19.32 -9.64
CA LEU A 76 43.62 20.44 -9.36
C LEU A 76 45.04 19.94 -9.11
N LEU A 77 45.19 18.85 -8.35
CA LEU A 77 46.51 18.33 -8.06
C LEU A 77 47.27 17.99 -9.34
N LYS A 78 46.56 17.60 -10.39
CA LYS A 78 47.21 17.42 -11.69
C LYS A 78 47.68 18.76 -12.25
N ILE A 79 46.78 19.76 -12.29
CA ILE A 79 47.13 21.05 -12.85
C ILE A 79 48.22 21.72 -12.02
N ALA A 80 48.16 21.59 -10.71
CA ALA A 80 49.13 22.25 -9.84
C ALA A 80 50.54 21.73 -10.05
N ASN A 81 50.70 20.53 -10.63
CA ASN A 81 52.03 20.00 -10.91
C ASN A 81 52.77 20.83 -11.94
N LEU A 82 52.07 21.56 -12.79
CA LEU A 82 52.71 22.33 -13.83
C LEU A 82 52.33 23.80 -13.82
N TYR A 83 51.09 24.14 -13.52
CA TYR A 83 50.57 25.48 -13.75
C TYR A 83 50.14 26.13 -12.45
N TRP A 84 49.93 27.46 -12.53
CA TRP A 84 49.33 28.23 -11.45
C TRP A 84 48.68 29.46 -12.07
N TRP A 85 47.53 29.85 -11.52
CA TRP A 85 46.88 31.10 -11.89
C TRP A 85 45.86 31.46 -10.82
N PRO A 86 45.40 32.70 -10.77
CA PRO A 86 44.44 33.09 -9.73
C PRO A 86 43.17 32.27 -9.80
N ASN A 87 42.80 31.70 -8.65
CA ASN A 87 41.54 30.98 -8.47
C ASN A 87 41.45 29.80 -9.45
N MET A 88 42.34 28.83 -9.26
CA MET A 88 42.36 27.67 -10.14
C MET A 88 41.13 26.79 -9.90
N ARG A 89 40.77 26.57 -8.64
CA ARG A 89 39.60 25.73 -8.35
C ARG A 89 38.33 26.30 -8.93
N LYS A 90 38.23 27.63 -9.03
CA LYS A 90 37.04 28.23 -9.63
C LYS A 90 36.87 27.78 -11.08
N ASP A 91 37.98 27.72 -11.82
CA ASP A 91 37.93 27.19 -13.19
C ASP A 91 37.75 25.68 -13.21
N VAL A 92 38.25 24.98 -12.20
CA VAL A 92 38.07 23.53 -12.12
C VAL A 92 36.62 23.19 -11.90
N VAL A 93 36.00 23.79 -10.88
CA VAL A 93 34.59 23.56 -10.58
C VAL A 93 33.71 23.96 -11.76
N LYS A 94 34.13 25.00 -12.50
CA LYS A 94 33.36 25.42 -13.66
C LYS A 94 33.28 24.32 -14.71
N GLN A 95 34.36 23.55 -14.87
CA GLN A 95 34.35 22.45 -15.83
C GLN A 95 33.64 21.22 -15.28
N LEU A 96 33.74 20.98 -13.97
CA LEU A 96 33.03 19.85 -13.38
C LEU A 96 31.53 19.97 -13.59
N GLY A 97 31.00 21.19 -13.45
CA GLY A 97 29.57 21.41 -13.67
C GLY A 97 29.16 21.37 -15.12
N ARG A 98 30.10 21.39 -16.05
CA ARG A 98 29.81 21.31 -17.47
C ARG A 98 30.20 19.97 -18.08
N CYS A 99 30.79 19.07 -17.31
CA CYS A 99 31.13 17.73 -17.78
C CYS A 99 29.90 16.85 -17.64
N GLN A 100 29.26 16.52 -18.76
CA GLN A 100 28.02 15.74 -18.70
C GLN A 100 28.29 14.33 -18.19
N GLN A 101 29.42 13.72 -18.55
CA GLN A 101 29.70 12.36 -18.13
C GLN A 101 29.82 12.25 -16.62
N CYS A 102 30.47 13.22 -15.98
CA CYS A 102 30.60 13.17 -14.53
C CYS A 102 29.25 13.40 -13.85
N LEU A 103 28.47 14.35 -14.34
CA LEU A 103 27.22 14.69 -13.67
C LEU A 103 26.25 13.52 -13.61
N ILE A 104 26.27 12.66 -14.64
CA ILE A 104 25.32 11.55 -14.72
C ILE A 104 25.89 10.24 -14.18
N THR A 105 27.20 10.17 -13.94
CA THR A 105 27.82 8.94 -13.47
C THR A 105 28.23 8.98 -12.01
N ASN A 106 28.72 10.12 -11.53
CA ASN A 106 29.18 10.22 -10.15
C ASN A 106 28.04 9.99 -9.18
N ALA A 107 28.38 9.38 -8.04
CA ALA A 107 27.40 9.21 -6.98
C ALA A 107 27.21 10.52 -6.23
N SER A 108 26.09 10.62 -5.54
CA SER A 108 25.83 11.78 -4.69
C SER A 108 26.58 11.63 -3.38
N ASN A 109 26.86 12.76 -2.74
CA ASN A 109 27.45 12.78 -1.41
C ASN A 109 26.58 13.54 -0.42
N LYS A 110 25.33 13.81 -0.76
CA LYS A 110 24.37 14.44 0.13
C LYS A 110 23.20 13.50 0.34
N ALA A 111 22.91 13.18 1.59
CA ALA A 111 21.79 12.31 1.92
C ALA A 111 20.47 13.03 1.75
N SER A 112 19.41 12.25 1.60
CA SER A 112 18.07 12.82 1.53
C SER A 112 17.65 13.36 2.90
N GLY A 113 16.68 14.25 2.88
CA GLY A 113 16.14 14.80 4.11
C GLY A 113 15.47 13.74 4.94
N PRO A 114 15.17 14.05 6.20
CA PRO A 114 14.56 13.05 7.09
C PRO A 114 13.19 12.63 6.59
N ILE A 115 12.88 11.36 6.81
CA ILE A 115 11.62 10.80 6.31
C ILE A 115 10.43 11.45 7.01
N LEU A 116 9.33 11.57 6.28
CA LEU A 116 8.08 12.00 6.87
C LEU A 116 7.34 10.80 7.44
N ARG A 117 6.63 11.02 8.54
CA ARG A 117 5.77 10.00 9.13
C ARG A 117 4.32 10.44 8.93
N PRO A 118 3.70 10.11 7.79
CA PRO A 118 2.35 10.61 7.53
C PRO A 118 1.36 10.13 8.58
N ASP A 119 0.37 10.97 8.85
CA ASP A 119 -0.61 10.64 9.88
C ASP A 119 -1.31 9.33 9.57
N ARG A 120 -1.49 8.52 10.60
CA ARG A 120 -2.26 7.30 10.45
C ARG A 120 -3.68 7.65 10.02
N PRO A 121 -4.25 6.93 9.06
CA PRO A 121 -5.66 7.15 8.69
C PRO A 121 -6.54 7.12 9.92
N GLN A 122 -7.49 8.06 9.98
CA GLN A 122 -8.31 8.20 11.19
C GLN A 122 -9.25 7.03 11.36
N LYS A 123 -9.82 6.53 10.27
CA LYS A 123 -10.83 5.49 10.34
C LYS A 123 -10.40 4.26 9.53
N PRO A 124 -10.88 3.08 9.90
CA PRO A 124 -10.71 1.92 9.01
C PRO A 124 -11.40 2.19 7.68
N PHE A 125 -10.84 1.59 6.63
CA PHE A 125 -11.29 1.73 5.25
C PHE A 125 -11.12 3.14 4.70
N ASP A 126 -10.40 4.02 5.40
CA ASP A 126 -10.06 5.31 4.82
C ASP A 126 -9.02 5.15 3.71
N LYS A 127 -8.04 4.29 3.92
CA LYS A 127 -6.99 4.08 2.93
C LYS A 127 -6.51 2.64 3.00
N PHE A 128 -6.52 1.97 1.85
CA PHE A 128 -5.92 0.65 1.72
C PHE A 128 -4.55 0.76 1.08
N PHE A 129 -3.60 -0.02 1.60
CA PHE A 129 -2.30 -0.19 0.97
C PHE A 129 -2.24 -1.60 0.40
N ILE A 130 -2.09 -1.71 -0.91
CA ILE A 130 -2.06 -3.00 -1.58
C ILE A 130 -0.72 -3.16 -2.29
N ASP A 131 -0.27 -4.41 -2.35
CA ASP A 131 0.98 -4.74 -3.01
C ASP A 131 0.98 -6.23 -3.29
N TYR A 132 1.89 -6.66 -4.16
CA TYR A 132 2.03 -8.07 -4.48
C TYR A 132 3.33 -8.61 -3.89
N ILE A 133 3.25 -9.85 -3.40
CA ILE A 133 4.41 -10.63 -2.99
C ILE A 133 4.59 -11.71 -4.04
N GLY A 134 5.83 -11.91 -4.49
CA GLY A 134 6.11 -12.96 -5.45
C GLY A 134 7.16 -12.58 -6.47
N PRO A 135 7.57 -13.55 -7.30
CA PRO A 135 7.04 -14.91 -7.32
C PRO A 135 7.53 -15.81 -6.17
N LEU A 136 6.70 -16.78 -5.81
CA LEU A 136 6.97 -17.73 -4.73
C LEU A 136 7.06 -19.14 -5.33
N PRO A 137 7.52 -20.13 -4.58
CA PRO A 137 7.46 -21.51 -5.05
C PRO A 137 6.03 -21.88 -5.42
N PRO A 138 5.83 -22.56 -6.55
CA PRO A 138 4.47 -22.91 -6.97
C PRO A 138 3.76 -23.75 -5.92
N SER A 139 2.64 -23.23 -5.44
CA SER A 139 1.79 -23.92 -4.47
C SER A 139 0.38 -23.95 -5.01
N GLN A 140 -0.12 -25.14 -5.32
CA GLN A 140 -1.46 -25.34 -5.89
C GLN A 140 -1.63 -24.54 -7.18
N GLY A 141 -0.54 -24.29 -7.89
CA GLY A 141 -0.57 -23.51 -9.11
C GLY A 141 -0.51 -22.02 -8.91
N TYR A 142 -0.42 -21.54 -7.67
CA TYR A 142 -0.39 -20.13 -7.36
C TYR A 142 1.04 -19.68 -7.08
N LEU A 143 1.36 -18.47 -7.52
CA LEU A 143 2.72 -17.94 -7.43
C LEU A 143 2.82 -16.64 -6.66
N TYR A 144 1.78 -15.82 -6.66
CA TYR A 144 1.84 -14.51 -6.04
C TYR A 144 0.79 -14.39 -4.94
N VAL A 145 0.92 -13.36 -4.13
CA VAL A 145 0.00 -13.07 -3.05
C VAL A 145 -0.34 -11.58 -3.10
N LEU A 146 -1.63 -11.27 -3.26
CA LEU A 146 -2.10 -9.90 -3.13
C LEU A 146 -2.27 -9.59 -1.65
N VAL A 147 -1.59 -8.55 -1.17
CA VAL A 147 -1.62 -8.16 0.22
C VAL A 147 -2.32 -6.81 0.32
N VAL A 148 -3.42 -6.77 1.07
CA VAL A 148 -4.20 -5.56 1.27
C VAL A 148 -4.19 -5.22 2.75
N VAL A 149 -3.63 -4.07 3.10
CA VAL A 149 -3.48 -3.64 4.49
C VAL A 149 -4.28 -2.37 4.70
N ASP A 150 -5.19 -2.40 5.67
CA ASP A 150 -5.90 -1.20 6.06
C ASP A 150 -4.98 -0.29 6.85
N GLY A 151 -4.79 0.94 6.38
CA GLY A 151 -3.78 1.81 6.97
C GLY A 151 -4.05 2.15 8.42
N MET A 152 -5.33 2.31 8.78
CA MET A 152 -5.66 2.68 10.14
C MET A 152 -5.40 1.53 11.11
N THR A 153 -5.89 0.35 10.79
CA THR A 153 -5.88 -0.78 11.71
C THR A 153 -4.71 -1.72 11.53
N GLY A 154 -4.09 -1.75 10.35
CA GLY A 154 -3.15 -2.79 10.02
C GLY A 154 -3.78 -4.12 9.67
N PHE A 155 -5.11 -4.22 9.76
CA PHE A 155 -5.81 -5.44 9.39
C PHE A 155 -5.53 -5.78 7.93
N THR A 156 -5.11 -7.02 7.69
CA THR A 156 -4.58 -7.43 6.40
C THR A 156 -5.44 -8.55 5.80
N TRP A 157 -5.66 -8.47 4.50
CA TRP A 157 -6.28 -9.55 3.72
C TRP A 157 -5.26 -10.10 2.74
N LEU A 158 -5.24 -11.43 2.61
CA LEU A 158 -4.30 -12.12 1.74
C LEU A 158 -5.06 -12.84 0.64
N TYR A 159 -4.59 -12.70 -0.60
CA TYR A 159 -5.24 -13.34 -1.73
C TYR A 159 -4.19 -13.98 -2.64
N PRO A 160 -4.18 -15.31 -2.76
CA PRO A 160 -3.23 -15.96 -3.67
C PRO A 160 -3.64 -15.78 -5.12
N THR A 161 -2.69 -15.41 -5.97
CA THR A 161 -2.95 -15.26 -7.40
C THR A 161 -1.88 -16.01 -8.18
N LYS A 162 -2.18 -16.21 -9.47
CA LYS A 162 -1.25 -16.84 -10.39
C LYS A 162 -0.36 -15.83 -11.11
N ALA A 163 -0.68 -14.54 -11.02
CA ALA A 163 0.11 -13.51 -11.66
C ALA A 163 -0.19 -12.19 -10.97
N PRO A 164 0.76 -11.24 -10.95
CA PRO A 164 0.47 -9.90 -10.42
C PRO A 164 -0.25 -9.04 -11.45
N SER A 165 -1.45 -9.48 -11.83
CA SER A 165 -2.19 -8.91 -12.94
C SER A 165 -3.34 -8.03 -12.44
N THR A 166 -3.84 -7.19 -13.33
CA THR A 166 -5.01 -6.39 -13.00
C THR A 166 -6.24 -7.26 -12.79
N SER A 167 -6.40 -8.30 -13.62
CA SER A 167 -7.56 -9.18 -13.48
C SER A 167 -7.56 -9.87 -12.12
N ALA A 168 -6.41 -10.38 -11.69
CA ALA A 168 -6.32 -11.01 -10.37
C ALA A 168 -6.53 -10.01 -9.25
N THR A 169 -6.12 -8.76 -9.45
CA THR A 169 -6.37 -7.73 -8.45
C THR A 169 -7.85 -7.40 -8.36
N VAL A 170 -8.51 -7.24 -9.51
CA VAL A 170 -9.94 -6.90 -9.51
C VAL A 170 -10.75 -8.03 -8.88
N LYS A 171 -10.47 -9.27 -9.26
CA LYS A 171 -11.22 -10.39 -8.70
C LYS A 171 -11.05 -10.50 -7.20
N SER A 172 -9.84 -10.22 -6.69
CA SER A 172 -9.61 -10.32 -5.26
C SER A 172 -10.23 -9.14 -4.51
N LEU A 173 -10.14 -7.94 -5.06
CA LEU A 173 -10.73 -6.78 -4.40
C LEU A 173 -12.25 -6.76 -4.49
N ASN A 174 -12.84 -7.40 -5.50
CA ASN A 174 -14.29 -7.53 -5.52
C ASN A 174 -14.78 -8.35 -4.34
N VAL A 175 -14.05 -9.42 -3.99
CA VAL A 175 -14.42 -10.20 -2.81
C VAL A 175 -14.21 -9.37 -1.55
N LEU A 176 -13.11 -8.63 -1.48
CA LEU A 176 -12.81 -7.85 -0.29
C LEU A 176 -13.82 -6.70 -0.12
N THR A 177 -14.11 -5.97 -1.20
CA THR A 177 -15.04 -4.87 -1.11
C THR A 177 -16.48 -5.32 -0.84
N SER A 178 -16.74 -6.62 -0.75
CA SER A 178 -18.03 -7.09 -0.28
C SER A 178 -18.26 -6.69 1.16
N ILE A 179 -17.20 -6.51 1.94
CA ILE A 179 -17.36 -6.15 3.34
C ILE A 179 -17.44 -4.64 3.54
N ALA A 180 -16.71 -3.87 2.74
CA ALA A 180 -16.69 -2.41 2.85
C ALA A 180 -15.89 -1.86 1.68
N ILE A 181 -16.25 -0.64 1.27
CA ILE A 181 -15.57 0.06 0.19
C ILE A 181 -14.62 1.08 0.81
N PRO A 182 -13.36 1.13 0.41
CA PRO A 182 -12.44 2.12 0.95
C PRO A 182 -12.49 3.44 0.22
N LYS A 183 -12.15 4.51 0.95
CA LYS A 183 -12.03 5.82 0.32
C LYS A 183 -10.88 5.83 -0.70
N VAL A 184 -9.69 5.41 -0.27
CA VAL A 184 -8.49 5.48 -1.08
C VAL A 184 -7.82 4.12 -1.08
N ILE A 185 -7.26 3.74 -2.23
CA ILE A 185 -6.41 2.56 -2.34
C ILE A 185 -5.04 3.03 -2.79
N HIS A 186 -4.03 2.81 -1.95
CA HIS A 186 -2.66 3.20 -2.25
C HIS A 186 -1.88 2.00 -2.75
N SER A 187 -1.05 2.21 -3.77
CA SER A 187 -0.25 1.14 -4.34
C SER A 187 0.96 1.74 -5.03
N ASP A 188 1.96 0.89 -5.26
CA ASP A 188 3.09 1.30 -6.07
C ASP A 188 2.67 1.33 -7.54
N GLN A 189 3.58 1.78 -8.40
CA GLN A 189 3.26 1.93 -9.81
C GLN A 189 3.57 0.68 -10.62
N GLY A 190 3.26 -0.50 -10.08
CA GLY A 190 3.34 -1.72 -10.85
C GLY A 190 2.29 -1.79 -11.94
N ALA A 191 2.48 -2.75 -12.85
CA ALA A 191 1.60 -2.85 -14.02
C ALA A 191 0.16 -3.17 -13.63
N ALA A 192 -0.04 -3.96 -12.58
CA ALA A 192 -1.39 -4.38 -12.21
C ALA A 192 -2.22 -3.21 -11.71
N PHE A 193 -1.60 -2.19 -11.12
CA PHE A 193 -2.31 -1.12 -10.47
C PHE A 193 -2.38 0.16 -11.29
N THR A 194 -1.56 0.28 -12.34
CA THR A 194 -1.54 1.46 -13.19
C THR A 194 -2.30 1.26 -14.49
N SER A 195 -2.79 0.06 -14.75
CA SER A 195 -3.53 -0.20 -15.97
C SER A 195 -4.82 0.60 -15.99
N SER A 196 -5.27 0.96 -17.21
CA SER A 196 -6.52 1.68 -17.35
C SER A 196 -7.70 0.87 -16.83
N THR A 197 -7.64 -0.46 -16.96
CA THR A 197 -8.72 -1.31 -16.46
C THR A 197 -8.89 -1.17 -14.96
N PHE A 198 -7.78 -1.08 -14.22
CA PHE A 198 -7.87 -0.95 -12.77
C PHE A 198 -8.40 0.42 -12.37
N ALA A 199 -8.05 1.47 -13.13
CA ALA A 199 -8.57 2.80 -12.85
C ALA A 199 -10.08 2.84 -13.07
N GLU A 200 -10.56 2.21 -14.14
CA GLU A 200 -12.00 2.12 -14.37
C GLU A 200 -12.69 1.40 -13.23
N TRP A 201 -12.11 0.29 -12.77
CA TRP A 201 -12.71 -0.48 -11.69
C TRP A 201 -12.83 0.35 -10.42
N ALA A 202 -11.84 1.21 -10.16
CA ALA A 202 -11.88 2.03 -8.95
C ALA A 202 -12.84 3.21 -9.09
N LYS A 203 -12.89 3.83 -10.27
CA LYS A 203 -13.82 4.92 -10.49
C LYS A 203 -15.26 4.45 -10.42
N GLU A 204 -15.55 3.24 -10.92
CA GLU A 204 -16.89 2.70 -10.87
C GLU A 204 -17.39 2.53 -9.44
N ARG A 205 -16.47 2.35 -8.49
N ARG A 205 -16.47 2.34 -8.49
CA ARG A 205 -16.82 2.15 -7.09
CA ARG A 205 -16.83 2.15 -7.09
C ARG A 205 -16.51 3.37 -6.24
C ARG A 205 -16.51 3.37 -6.24
N GLY A 206 -16.15 4.49 -6.85
CA GLY A 206 -15.86 5.70 -6.09
C GLY A 206 -14.62 5.62 -5.22
N ILE A 207 -13.58 4.94 -5.70
CA ILE A 207 -12.34 4.76 -4.96
C ILE A 207 -11.25 5.58 -5.62
N HIS A 208 -10.59 6.44 -4.85
CA HIS A 208 -9.48 7.23 -5.36
C HIS A 208 -8.21 6.40 -5.31
N LEU A 209 -7.53 6.28 -6.45
CA LEU A 209 -6.28 5.52 -6.55
C LEU A 209 -5.11 6.46 -6.24
N GLU A 210 -4.42 6.17 -5.15
CA GLU A 210 -3.20 6.90 -4.78
C GLU A 210 -2.00 6.04 -5.15
N PHE A 211 -1.00 6.65 -5.79
CA PHE A 211 0.15 5.91 -6.28
C PHE A 211 1.42 6.42 -5.62
N SER A 212 2.26 5.48 -5.20
CA SER A 212 3.58 5.83 -4.68
C SER A 212 4.42 6.45 -5.80
N THR A 213 5.39 7.28 -5.40
CA THR A 213 6.39 7.71 -6.35
C THR A 213 7.11 6.49 -6.90
N PRO A 214 7.54 6.53 -8.17
CA PRO A 214 8.09 5.33 -8.80
C PRO A 214 9.39 4.89 -8.13
N TYR A 215 9.56 3.57 -8.02
CA TYR A 215 10.79 2.96 -7.52
C TYR A 215 11.12 3.47 -6.12
N HIS A 216 10.11 3.48 -5.25
CA HIS A 216 10.26 3.97 -3.88
C HIS A 216 9.29 3.20 -2.98
N PRO A 217 9.62 1.94 -2.67
CA PRO A 217 8.70 1.13 -1.85
C PRO A 217 8.51 1.65 -0.44
N GLN A 218 9.31 2.61 0.02
CA GLN A 218 9.08 3.24 1.31
CA GLN A 218 9.07 3.24 1.31
C GLN A 218 7.67 3.84 1.38
N SER A 219 7.20 4.40 0.26
CA SER A 219 5.88 5.03 0.26
C SER A 219 4.78 4.02 0.53
N SER A 220 4.93 2.79 0.08
CA SER A 220 4.02 1.70 0.42
C SER A 220 4.46 0.97 1.69
N GLY A 221 5.31 1.59 2.50
CA GLY A 221 5.89 0.97 3.67
C GLY A 221 4.90 0.30 4.61
N LYS A 222 3.64 0.76 4.60
CA LYS A 222 2.62 0.14 5.44
C LYS A 222 2.41 -1.32 5.05
N VAL A 223 2.21 -1.58 3.75
CA VAL A 223 1.97 -2.94 3.30
C VAL A 223 3.28 -3.68 3.10
N GLU A 224 4.34 -2.97 2.73
CA GLU A 224 5.65 -3.61 2.62
C GLU A 224 6.08 -4.22 3.95
N ARG A 225 5.93 -3.46 5.04
CA ARG A 225 6.30 -3.98 6.35
C ARG A 225 5.42 -5.16 6.75
N LYS A 226 4.16 -5.16 6.32
CA LYS A 226 3.32 -6.33 6.55
C LYS A 226 3.78 -7.52 5.73
N ASN A 227 4.33 -7.27 4.52
CA ASN A 227 4.88 -8.36 3.72
C ASN A 227 5.97 -9.10 4.47
N SER A 228 6.81 -8.37 5.20
CA SER A 228 7.88 -8.99 5.98
C SER A 228 7.31 -9.96 7.00
N ASP A 229 6.29 -9.52 7.75
CA ASP A 229 5.69 -10.40 8.76
C ASP A 229 5.03 -11.62 8.11
N ILE A 230 4.44 -11.45 6.93
CA ILE A 230 3.79 -12.57 6.25
C ILE A 230 4.82 -13.62 5.87
N LYS A 231 5.88 -13.20 5.17
CA LYS A 231 6.92 -14.14 4.78
C LYS A 231 7.63 -14.72 5.99
N ARG A 232 7.86 -13.90 7.02
CA ARG A 232 8.53 -14.41 8.22
C ARG A 232 7.69 -15.49 8.89
N LEU A 233 6.37 -15.31 8.96
CA LEU A 233 5.52 -16.33 9.55
C LEU A 233 5.41 -17.54 8.64
N LEU A 234 5.29 -17.32 7.33
CA LEU A 234 5.25 -18.44 6.39
C LEU A 234 6.53 -19.26 6.46
N THR A 235 7.68 -18.59 6.61
CA THR A 235 8.94 -19.30 6.71
C THR A 235 8.97 -20.21 7.93
N LYS A 236 8.53 -19.70 9.08
CA LYS A 236 8.56 -20.48 10.31
C LYS A 236 7.64 -21.69 10.23
N LEU A 237 6.45 -21.51 9.66
CA LEU A 237 5.50 -22.61 9.54
C LEU A 237 5.95 -23.66 8.53
N LEU A 238 6.85 -23.31 7.62
CA LEU A 238 7.31 -24.21 6.58
C LEU A 238 8.68 -24.79 6.86
N VAL A 239 9.25 -24.54 8.04
CA VAL A 239 10.54 -25.11 8.40
C VAL A 239 10.43 -26.63 8.45
N GLY A 240 11.32 -27.30 7.72
CA GLY A 240 11.32 -28.75 7.65
C GLY A 240 10.26 -29.36 6.77
N ARG A 241 9.36 -28.55 6.21
CA ARG A 241 8.30 -29.01 5.32
C ARG A 241 8.51 -28.45 3.92
N PRO A 242 7.93 -29.07 2.91
CA PRO A 242 7.94 -28.45 1.57
C PRO A 242 7.10 -27.18 1.56
N THR A 243 7.54 -26.21 0.77
CA THR A 243 6.92 -24.89 0.74
C THR A 243 5.53 -24.92 0.13
N LYS A 244 4.57 -25.54 0.83
CA LYS A 244 3.17 -25.55 0.42
C LYS A 244 2.45 -24.44 1.19
N TRP A 245 2.59 -23.22 0.67
CA TRP A 245 2.12 -22.03 1.37
C TRP A 245 0.68 -21.66 1.04
N TYR A 246 0.03 -22.35 0.10
CA TYR A 246 -1.33 -21.97 -0.28
C TYR A 246 -2.30 -22.16 0.87
N ASP A 247 -2.28 -23.33 1.50
CA ASP A 247 -3.19 -23.61 2.61
C ASP A 247 -2.83 -22.85 3.88
N LEU A 248 -1.66 -22.21 3.93
CA LEU A 248 -1.26 -21.45 5.11
C LEU A 248 -1.67 -19.99 5.04
N LEU A 249 -2.05 -19.49 3.87
CA LEU A 249 -2.47 -18.08 3.78
C LEU A 249 -3.63 -17.74 4.69
N PRO A 250 -4.69 -18.54 4.82
CA PRO A 250 -5.72 -18.23 5.82
C PRO A 250 -5.19 -18.28 7.24
N VAL A 251 -4.29 -19.22 7.54
CA VAL A 251 -3.73 -19.31 8.88
C VAL A 251 -2.91 -18.06 9.20
N VAL A 252 -2.05 -17.66 8.27
CA VAL A 252 -1.18 -16.49 8.50
C VAL A 252 -2.01 -15.22 8.58
N GLN A 253 -3.01 -15.08 7.71
CA GLN A 253 -3.90 -13.93 7.77
C GLN A 253 -4.54 -13.80 9.14
N LEU A 254 -5.14 -14.88 9.63
CA LEU A 254 -5.79 -14.83 10.94
C LEU A 254 -4.77 -14.60 12.05
N ALA A 255 -3.57 -15.18 11.93
CA ALA A 255 -2.58 -15.06 13.00
C ALA A 255 -2.05 -13.64 13.11
N LEU A 256 -1.75 -12.99 11.98
CA LEU A 256 -1.19 -11.65 12.02
C LEU A 256 -2.24 -10.62 12.38
N ASN A 257 -3.49 -10.81 11.92
CA ASN A 257 -4.54 -9.86 12.26
C ASN A 257 -4.85 -9.88 13.76
N ASN A 258 -4.52 -10.95 14.46
CA ASN A 258 -4.75 -11.04 15.90
C ASN A 258 -3.44 -10.99 16.69
N THR A 259 -2.39 -10.42 16.12
CA THR A 259 -1.09 -10.31 16.77
C THR A 259 -0.92 -8.92 17.34
N TYR A 260 -0.54 -8.85 18.62
CA TYR A 260 -0.39 -7.57 19.28
C TYR A 260 0.80 -6.80 18.69
N SER A 261 0.62 -5.49 18.50
CA SER A 261 1.74 -4.61 18.24
C SER A 261 2.24 -4.10 19.58
N PRO A 262 3.45 -4.46 20.01
CA PRO A 262 3.91 -4.06 21.35
C PRO A 262 3.86 -2.57 21.61
N VAL A 263 3.98 -1.74 20.59
CA VAL A 263 3.95 -0.29 20.82
C VAL A 263 2.52 0.22 20.87
N LEU A 264 1.59 -0.41 20.15
CA LEU A 264 0.20 0.01 20.16
C LEU A 264 -0.59 -0.58 21.32
N LYS A 265 -0.19 -1.77 21.80
CA LYS A 265 -0.93 -2.56 22.79
C LYS A 265 -2.24 -3.10 22.26
N TYR A 266 -2.39 -3.21 20.93
CA TYR A 266 -3.60 -3.74 20.34
C TYR A 266 -3.24 -4.54 19.10
N THR A 267 -4.14 -5.44 18.73
CA THR A 267 -4.03 -6.22 17.51
C THR A 267 -4.82 -5.54 16.39
N PRO A 268 -4.45 -5.78 15.13
CA PRO A 268 -5.25 -5.21 14.03
C PRO A 268 -6.71 -5.60 14.08
N HIS A 269 -7.02 -6.80 14.55
CA HIS A 269 -8.41 -7.19 14.74
C HIS A 269 -9.10 -6.27 15.75
N GLN A 270 -8.43 -5.98 16.86
CA GLN A 270 -9.03 -5.14 17.90
C GLN A 270 -9.25 -3.71 17.40
N LEU A 271 -8.29 -3.16 16.67
CA LEU A 271 -8.46 -1.81 16.14
C LEU A 271 -9.57 -1.75 15.11
N LEU A 272 -9.87 -2.86 14.44
CA LEU A 272 -10.94 -2.89 13.44
C LEU A 272 -12.30 -3.15 14.06
N PHE A 273 -12.39 -4.09 15.01
CA PHE A 273 -13.68 -4.50 15.56
C PHE A 273 -13.92 -4.03 16.99
N GLY A 274 -12.88 -3.67 17.73
CA GLY A 274 -13.07 -3.29 19.11
C GLY A 274 -13.35 -4.45 20.06
N ILE A 275 -13.27 -5.68 19.58
CA ILE A 275 -13.52 -6.86 20.41
C ILE A 275 -12.93 -8.07 19.69
N ASP A 276 -12.27 -8.93 20.46
CA ASP A 276 -11.70 -10.14 19.89
C ASP A 276 -12.80 -11.14 19.57
N SER A 277 -12.54 -11.97 18.56
CA SER A 277 -13.45 -13.03 18.19
C SER A 277 -13.04 -14.31 18.93
N ASN A 278 -13.59 -15.46 18.51
CA ASN A 278 -13.31 -16.72 19.20
C ASN A 278 -11.95 -17.28 18.76
N THR A 279 -10.90 -16.48 18.96
CA THR A 279 -9.51 -16.89 18.75
C THR A 279 -8.85 -17.19 20.08
N PRO A 280 -7.75 -17.94 20.09
CA PRO A 280 -7.08 -18.25 21.36
C PRO A 280 -6.61 -17.00 22.06
N PHE A 281 -6.78 -16.98 23.38
CA PHE A 281 -6.35 -15.87 24.23
C PHE A 281 -7.08 -14.57 23.89
N ALA A 282 -8.39 -14.69 23.69
CA ALA A 282 -9.20 -13.53 23.36
C ALA A 282 -9.32 -12.61 24.57
N ASN A 283 -9.16 -11.31 24.35
CA ASN A 283 -9.27 -10.35 25.44
C ASN A 283 -10.72 -10.18 25.85
N GLN A 284 -10.97 -10.23 27.17
CA GLN A 284 -12.32 -10.16 27.71
C GLN A 284 -12.50 -8.96 28.64
N ASP A 285 -11.74 -7.88 28.41
CA ASP A 285 -11.82 -6.74 29.31
C ASP A 285 -13.17 -6.03 29.21
N THR A 286 -13.68 -5.84 27.99
CA THR A 286 -14.95 -5.16 27.78
C THR A 286 -16.14 -6.11 27.77
N LEU A 287 -16.08 -7.18 28.56
CA LEU A 287 -17.16 -8.17 28.52
C LEU A 287 -18.43 -7.64 29.16
N ASP A 288 -18.30 -6.80 30.17
CA ASP A 288 -19.46 -6.22 30.86
C ASP A 288 -19.99 -4.97 30.18
N LEU A 289 -19.20 -4.31 29.35
CA LEU A 289 -19.68 -3.15 28.61
C LEU A 289 -20.65 -3.58 27.54
N THR A 290 -21.49 -2.63 27.10
CA THR A 290 -22.35 -2.85 25.96
C THR A 290 -21.59 -2.57 24.67
N ARG A 291 -22.20 -2.96 23.55
CA ARG A 291 -21.56 -2.71 22.26
C ARG A 291 -21.39 -1.22 22.00
N GLU A 292 -22.38 -0.42 22.38
CA GLU A 292 -22.28 1.02 22.20
C GLU A 292 -21.19 1.61 23.09
N GLU A 293 -21.07 1.11 24.32
CA GLU A 293 -19.96 1.50 25.18
C GLU A 293 -18.63 0.98 24.65
N GLU A 294 -18.65 -0.18 24.00
CA GLU A 294 -17.41 -0.73 23.43
C GLU A 294 -16.93 0.12 22.25
N LEU A 295 -17.85 0.47 21.34
CA LEU A 295 -17.48 1.31 20.21
C LEU A 295 -17.04 2.69 20.66
N SER A 296 -17.62 3.21 21.74
CA SER A 296 -17.18 4.49 22.27
C SER A 296 -15.74 4.40 22.77
N LEU A 297 -15.40 3.32 23.48
CA LEU A 297 -14.03 3.11 23.91
C LEU A 297 -13.12 2.86 22.71
N LEU A 298 -13.64 2.21 21.67
CA LEU A 298 -12.84 1.94 20.48
C LEU A 298 -12.51 3.23 19.73
N GLN A 299 -13.45 4.17 19.66
CA GLN A 299 -13.21 5.40 18.94
C GLN A 299 -12.14 6.26 19.62
N GLU A 300 -12.08 6.24 20.95
CA GLU A 300 -11.01 6.96 21.62
C GLU A 300 -9.67 6.25 21.47
N ILE A 301 -9.67 4.91 21.43
CA ILE A 301 -8.43 4.17 21.21
C ILE A 301 -7.86 4.47 19.84
N ARG A 302 -8.73 4.56 18.82
CA ARG A 302 -8.24 4.82 17.47
C ARG A 302 -7.60 6.19 17.34
N THR A 303 -7.96 7.13 18.22
CA THR A 303 -7.41 8.47 18.15
C THR A 303 -6.15 8.64 18.99
N SER A 304 -6.04 7.92 20.10
CA SER A 304 -4.90 8.04 21.00
C SER A 304 -3.73 7.12 20.65
N LEU A 305 -3.76 6.51 19.46
CA LEU A 305 -2.69 5.60 19.08
C LEU A 305 -1.38 6.34 18.92
N TYR A 306 -0.29 5.70 19.36
CA TYR A 306 1.03 6.28 19.22
C TYR A 306 1.35 6.55 17.76
N HIS A 307 1.97 7.70 17.51
CA HIS A 307 2.38 8.07 16.16
C HIS A 307 3.81 8.60 16.18
N PRO A 308 4.70 8.03 15.37
CA PRO A 308 6.09 8.49 15.38
C PRO A 308 6.24 9.85 14.73
N SER A 309 7.39 10.47 14.99
CA SER A 309 7.71 11.79 14.49
C SER A 309 8.89 11.72 13.53
N THR A 310 9.07 12.78 12.76
CA THR A 310 10.18 12.84 11.81
C THR A 310 11.50 12.74 12.56
N PRO A 311 12.41 11.87 12.13
CA PRO A 311 13.69 11.71 12.82
C PRO A 311 14.58 12.92 12.59
N PRO A 312 15.69 13.04 13.33
CA PRO A 312 16.62 14.13 13.06
C PRO A 312 17.26 13.99 11.70
N ALA A 313 17.40 15.12 11.01
CA ALA A 313 18.08 15.13 9.72
C ALA A 313 19.55 14.81 9.91
N SER A 314 20.11 14.08 8.95
CA SER A 314 21.53 13.78 9.01
C SER A 314 22.34 15.05 8.75
N SER A 315 23.59 15.05 9.20
CA SER A 315 24.39 16.28 9.25
C SER A 315 24.65 16.85 7.87
N ARG A 316 24.50 16.06 6.80
CA ARG A 316 24.72 16.54 5.44
C ARG A 316 23.57 16.10 4.53
N SER A 317 22.36 16.47 4.91
CA SER A 317 21.18 16.21 4.10
C SER A 317 20.91 17.39 3.18
N TRP A 318 20.02 17.18 2.22
CA TRP A 318 19.62 18.24 1.30
C TRP A 318 18.11 18.23 1.16
N SER A 319 17.54 19.42 1.10
CA SER A 319 16.11 19.53 0.88
C SER A 319 15.83 20.20 -0.47
N PRO A 320 14.81 19.77 -1.18
CA PRO A 320 14.57 20.30 -2.53
C PRO A 320 13.99 21.71 -2.49
N VAL A 321 14.40 22.51 -3.46
CA VAL A 321 13.93 23.88 -3.64
C VAL A 321 13.41 24.02 -5.07
N VAL A 322 12.33 24.79 -5.23
CA VAL A 322 11.77 25.02 -6.56
C VAL A 322 12.82 25.70 -7.44
N GLY A 323 13.04 25.15 -8.63
CA GLY A 323 14.00 25.68 -9.56
C GLY A 323 15.38 25.07 -9.47
N GLN A 324 15.62 24.21 -8.47
CA GLN A 324 16.93 23.59 -8.31
C GLN A 324 17.18 22.55 -9.40
N LEU A 325 18.43 22.45 -9.83
CA LEU A 325 18.83 21.40 -10.77
C LEU A 325 19.05 20.10 -10.00
N VAL A 326 18.20 19.11 -10.29
CA VAL A 326 18.29 17.80 -9.66
C VAL A 326 18.32 16.75 -10.76
N GLN A 327 18.82 15.57 -10.42
CA GLN A 327 18.92 14.47 -11.37
C GLN A 327 18.20 13.26 -10.80
N GLU A 328 17.41 12.61 -11.65
CA GLU A 328 16.66 11.43 -11.24
C GLU A 328 17.50 10.18 -11.43
N ARG A 329 17.45 9.29 -10.44
CA ARG A 329 18.15 8.02 -10.54
C ARG A 329 17.59 7.19 -11.70
N VAL A 330 18.48 6.60 -12.48
CA VAL A 330 18.05 5.70 -13.54
C VAL A 330 17.46 4.45 -12.92
N ALA A 331 16.32 4.01 -13.44
CA ALA A 331 15.59 2.88 -12.87
C ALA A 331 16.40 1.59 -12.96
N ARG A 332 16.55 1.06 -14.17
CA ARG A 332 17.29 -0.18 -14.42
C ARG A 332 18.51 0.16 -15.28
N PRO A 333 19.57 0.69 -14.68
CA PRO A 333 20.74 1.08 -15.47
C PRO A 333 21.46 -0.15 -15.99
N ALA A 334 21.68 -0.16 -17.30
CA ALA A 334 22.41 -1.26 -17.92
C ALA A 334 23.87 -1.26 -17.43
N SER A 335 24.57 -2.35 -17.74
CA SER A 335 25.96 -2.46 -17.34
C SER A 335 26.79 -1.37 -18.00
N LEU A 336 27.70 -0.78 -17.21
CA LEU A 336 28.61 0.27 -17.68
C LEU A 336 27.85 1.49 -18.20
N ARG A 337 26.64 1.72 -17.70
CA ARG A 337 25.84 2.88 -18.08
C ARG A 337 25.61 3.78 -16.87
N PRO A 338 25.41 5.08 -17.09
CA PRO A 338 25.25 6.00 -15.96
C PRO A 338 24.07 5.64 -15.07
N ARG A 339 24.24 5.91 -13.78
CA ARG A 339 23.21 5.65 -12.78
C ARG A 339 22.22 6.80 -12.61
N TRP A 340 22.47 7.94 -13.25
CA TRP A 340 21.63 9.12 -13.09
C TRP A 340 21.24 9.68 -14.46
N HIS A 341 20.05 10.26 -14.52
CA HIS A 341 19.59 10.94 -15.72
C HIS A 341 20.21 12.34 -15.80
N LYS A 342 20.08 12.96 -16.96
CA LYS A 342 20.57 14.31 -17.16
C LYS A 342 19.84 15.28 -16.22
N PRO A 343 20.45 16.42 -15.90
CA PRO A 343 19.85 17.32 -14.92
C PRO A 343 18.46 17.80 -15.34
N SER A 344 17.61 18.02 -14.34
CA SER A 344 16.25 18.50 -14.55
C SER A 344 15.91 19.50 -13.45
N THR A 345 14.82 20.24 -13.67
CA THR A 345 14.45 21.34 -12.80
C THR A 345 13.28 20.96 -11.91
N VAL A 346 13.35 21.35 -10.64
CA VAL A 346 12.26 21.11 -9.69
C VAL A 346 11.13 22.08 -10.00
N LEU A 347 9.97 21.55 -10.39
CA LEU A 347 8.83 22.40 -10.72
C LEU A 347 8.06 22.79 -9.47
N LYS A 348 7.68 21.81 -8.63
CA LYS A 348 6.93 22.08 -7.42
C LYS A 348 7.40 21.15 -6.31
N VAL A 349 7.43 21.67 -5.09
CA VAL A 349 7.82 20.90 -3.91
C VAL A 349 6.54 20.54 -3.17
N LEU A 350 6.07 19.30 -3.34
CA LEU A 350 4.84 18.87 -2.69
C LEU A 350 5.04 18.72 -1.18
N ASN A 351 6.14 18.09 -0.78
CA ASN A 351 6.55 18.02 0.60
C ASN A 351 8.06 17.90 0.62
N PRO A 352 8.70 18.02 1.80
CA PRO A 352 10.18 17.99 1.84
C PRO A 352 10.78 16.70 1.30
N ARG A 353 9.95 15.73 0.93
CA ARG A 353 10.41 14.45 0.40
C ARG A 353 9.87 14.12 -0.97
N THR A 354 8.96 14.92 -1.52
CA THR A 354 8.33 14.64 -2.81
C THR A 354 8.33 15.91 -3.64
N VAL A 355 8.73 15.79 -4.92
CA VAL A 355 8.75 16.93 -5.82
C VAL A 355 8.26 16.51 -7.19
N VAL A 356 7.91 17.51 -8.00
CA VAL A 356 7.62 17.35 -9.41
C VAL A 356 8.77 17.95 -10.20
N ILE A 357 9.26 17.22 -11.20
CA ILE A 357 10.39 17.68 -12.00
C ILE A 357 10.00 17.63 -13.47
N LEU A 358 10.67 18.47 -14.27
CA LEU A 358 10.55 18.43 -15.71
C LEU A 358 11.42 17.27 -16.21
N ASP A 359 10.76 16.17 -16.55
CA ASP A 359 11.42 14.88 -16.80
C ASP A 359 12.47 14.98 -17.91
N HIS A 360 13.37 13.99 -17.93
CA HIS A 360 14.38 13.91 -18.99
C HIS A 360 13.78 13.64 -20.35
N LEU A 361 12.49 13.27 -20.41
CA LEU A 361 11.77 13.14 -21.67
C LEU A 361 10.92 14.36 -21.98
N GLY A 362 10.80 15.30 -21.04
CA GLY A 362 9.98 16.49 -21.21
C GLY A 362 8.68 16.50 -20.43
N ASN A 363 8.34 15.39 -19.76
CA ASN A 363 7.08 15.28 -19.06
C ASN A 363 7.21 15.82 -17.64
N ASN A 364 6.08 15.86 -16.93
CA ASN A 364 6.05 16.18 -15.51
C ASN A 364 6.04 14.88 -14.72
N ARG A 365 7.04 14.68 -13.88
CA ARG A 365 7.21 13.44 -13.14
C ARG A 365 7.25 13.74 -11.66
N THR A 366 6.41 13.04 -10.90
CA THR A 366 6.39 13.15 -9.44
C THR A 366 7.28 12.06 -8.87
N VAL A 367 8.39 12.47 -8.23
CA VAL A 367 9.42 11.55 -7.79
C VAL A 367 9.76 11.85 -6.34
N SER A 368 10.32 10.83 -5.67
CA SER A 368 10.82 10.96 -4.32
C SER A 368 12.26 11.46 -4.35
N ILE A 369 12.64 12.24 -3.34
CA ILE A 369 14.00 12.75 -3.30
C ILE A 369 15.01 11.64 -3.04
N ASP A 370 14.55 10.48 -2.56
CA ASP A 370 15.45 9.33 -2.44
C ASP A 370 15.97 8.90 -3.80
N ASN A 371 15.17 9.06 -4.85
CA ASN A 371 15.60 8.79 -6.22
C ASN A 371 16.08 10.05 -6.93
N LEU A 372 16.56 11.05 -6.18
CA LEU A 372 17.09 12.28 -6.74
C LEU A 372 18.43 12.60 -6.09
N LYS A 373 19.26 13.32 -6.83
CA LYS A 373 20.44 13.94 -6.26
C LYS A 373 20.52 15.37 -6.75
N PRO A 374 21.01 16.30 -5.93
CA PRO A 374 21.23 17.66 -6.41
C PRO A 374 22.41 17.69 -7.37
N THR A 375 22.21 18.33 -8.52
CA THR A 375 23.30 18.46 -9.48
C THR A 375 24.45 19.24 -8.85
N SER A 376 25.64 18.65 -8.87
CA SER A 376 26.78 19.25 -8.22
C SER A 376 27.26 20.49 -8.97
N HIS A 377 27.94 21.37 -8.22
CA HIS A 377 28.56 22.57 -8.78
C HIS A 377 27.53 23.51 -9.39
N GLN A 378 26.30 23.47 -8.87
CA GLN A 378 25.21 24.32 -9.33
C GLN A 378 24.99 24.25 -10.83
N ASP B 119 -25.71 -10.55 33.53
CA ASP B 119 -25.51 -11.25 32.26
C ASP B 119 -24.73 -10.37 31.29
N ARG B 120 -23.88 -10.99 30.48
CA ARG B 120 -23.04 -10.23 29.57
C ARG B 120 -23.86 -9.69 28.40
N PRO B 121 -23.68 -8.43 28.03
CA PRO B 121 -24.40 -7.89 26.86
C PRO B 121 -23.99 -8.60 25.58
N GLN B 122 -24.93 -8.71 24.66
CA GLN B 122 -24.65 -9.39 23.40
C GLN B 122 -23.62 -8.59 22.60
N LYS B 123 -22.70 -9.32 21.95
CA LYS B 123 -21.55 -8.76 21.27
C LYS B 123 -21.41 -9.37 19.89
N PRO B 124 -20.69 -8.71 18.98
CA PRO B 124 -20.37 -9.35 17.71
C PRO B 124 -19.53 -10.60 17.94
N PHE B 125 -19.60 -11.52 16.99
CA PHE B 125 -18.92 -12.80 17.01
C PHE B 125 -19.42 -13.73 18.11
N ASP B 126 -20.43 -13.33 18.87
CA ASP B 126 -20.99 -14.23 19.88
C ASP B 126 -21.77 -15.38 19.25
N LYS B 127 -22.41 -15.12 18.11
CA LYS B 127 -23.26 -16.13 17.49
C LYS B 127 -23.41 -15.79 16.02
N PHE B 128 -23.07 -16.75 15.16
CA PHE B 128 -23.29 -16.64 13.72
C PHE B 128 -24.45 -17.52 13.33
N PHE B 129 -25.42 -16.96 12.62
CA PHE B 129 -26.54 -17.71 12.11
C PHE B 129 -26.27 -18.05 10.64
N ILE B 130 -26.23 -19.33 10.33
CA ILE B 130 -25.94 -19.77 8.97
C ILE B 130 -27.12 -20.57 8.44
N ASP B 131 -27.32 -20.47 7.13
CA ASP B 131 -28.36 -21.22 6.44
C ASP B 131 -28.09 -21.14 4.94
N TYR B 132 -28.67 -22.09 4.21
CA TYR B 132 -28.53 -22.15 2.77
C TYR B 132 -29.78 -21.62 2.08
N ILE B 133 -29.56 -20.82 1.04
CA ILE B 133 -30.61 -20.34 0.15
C ILE B 133 -30.39 -20.98 -1.21
N GLY B 134 -31.40 -21.74 -1.68
CA GLY B 134 -31.30 -22.39 -2.96
C GLY B 134 -32.14 -23.65 -3.03
N PRO B 135 -32.07 -24.37 -4.16
CA PRO B 135 -31.22 -24.06 -5.32
C PRO B 135 -31.74 -22.89 -6.18
N LEU B 136 -30.80 -22.19 -6.79
CA LEU B 136 -31.04 -21.04 -7.65
C LEU B 136 -30.67 -21.38 -9.08
N PRO B 137 -31.09 -20.56 -10.04
CA PRO B 137 -30.60 -20.70 -11.42
C PRO B 137 -29.08 -20.62 -11.47
N PRO B 138 -28.45 -21.44 -12.30
CA PRO B 138 -26.97 -21.47 -12.33
C PRO B 138 -26.39 -20.13 -12.76
N SER B 139 -25.40 -19.68 -12.01
CA SER B 139 -24.69 -18.43 -12.30
C SER B 139 -23.19 -18.71 -12.15
N GLN B 140 -22.51 -18.87 -13.29
CA GLN B 140 -21.09 -19.16 -13.32
C GLN B 140 -20.76 -20.46 -12.55
N GLY B 141 -21.68 -21.40 -12.58
CA GLY B 141 -21.46 -22.72 -12.00
C GLY B 141 -21.87 -22.86 -10.55
N TYR B 142 -22.44 -21.83 -9.94
CA TYR B 142 -22.87 -21.87 -8.54
C TYR B 142 -24.39 -21.90 -8.46
N LEU B 143 -24.91 -22.65 -7.50
CA LEU B 143 -26.35 -22.87 -7.35
C LEU B 143 -26.92 -22.38 -6.03
N TYR B 144 -26.13 -22.39 -4.95
CA TYR B 144 -26.63 -22.05 -3.63
C TYR B 144 -25.89 -20.83 -3.08
N VAL B 145 -26.43 -20.30 -1.98
CA VAL B 145 -25.83 -19.17 -1.28
C VAL B 145 -25.83 -19.48 0.20
N LEU B 146 -24.65 -19.53 0.81
CA LEU B 146 -24.53 -19.71 2.25
C LEU B 146 -24.64 -18.34 2.92
N VAL B 147 -25.65 -18.16 3.76
CA VAL B 147 -25.92 -16.89 4.41
C VAL B 147 -25.41 -16.98 5.85
N VAL B 148 -24.48 -16.10 6.20
CA VAL B 148 -23.97 -16.00 7.56
C VAL B 148 -24.33 -14.62 8.09
N VAL B 149 -25.03 -14.57 9.21
CA VAL B 149 -25.44 -13.33 9.84
C VAL B 149 -24.94 -13.31 11.27
N ASP B 150 -24.24 -12.24 11.62
CA ASP B 150 -23.86 -12.03 13.02
C ASP B 150 -25.10 -11.68 13.83
N GLY B 151 -25.27 -12.35 14.98
CA GLY B 151 -26.50 -12.23 15.73
C GLY B 151 -26.68 -10.88 16.40
N MET B 152 -25.58 -10.19 16.70
CA MET B 152 -25.65 -8.92 17.40
C MET B 152 -25.74 -7.74 16.44
N THR B 153 -24.85 -7.68 15.46
CA THR B 153 -24.80 -6.56 14.54
C THR B 153 -25.73 -6.70 13.35
N GLY B 154 -26.15 -7.92 13.03
CA GLY B 154 -26.86 -8.14 11.78
C GLY B 154 -25.99 -8.14 10.55
N PHE B 155 -24.67 -8.13 10.72
CA PHE B 155 -23.76 -8.14 9.58
C PHE B 155 -23.88 -9.46 8.84
N THR B 156 -23.89 -9.38 7.51
CA THR B 156 -24.19 -10.52 6.65
C THR B 156 -23.01 -10.81 5.73
N TRP B 157 -22.62 -12.07 5.64
CA TRP B 157 -21.68 -12.56 4.64
C TRP B 157 -22.41 -13.51 3.71
N LEU B 158 -22.18 -13.36 2.40
CA LEU B 158 -22.80 -14.21 1.40
C LEU B 158 -21.71 -14.97 0.67
N TYR B 159 -21.81 -16.31 0.68
CA TYR B 159 -20.84 -17.18 0.03
C TYR B 159 -21.57 -18.07 -0.98
N PRO B 160 -21.26 -17.99 -2.27
CA PRO B 160 -21.89 -18.89 -3.24
C PRO B 160 -21.25 -20.27 -3.20
N THR B 161 -22.08 -21.30 -3.16
CA THR B 161 -21.62 -22.68 -3.19
C THR B 161 -22.29 -23.42 -4.35
N LYS B 162 -21.76 -24.60 -4.66
CA LYS B 162 -22.31 -25.45 -5.71
C LYS B 162 -23.26 -26.50 -5.17
N ALA B 163 -23.36 -26.64 -3.85
CA ALA B 163 -24.18 -27.67 -3.24
C ALA B 163 -24.38 -27.31 -1.77
N PRO B 164 -25.47 -27.73 -1.16
CA PRO B 164 -25.65 -27.53 0.28
C PRO B 164 -25.00 -28.64 1.08
N SER B 165 -23.69 -28.81 0.88
CA SER B 165 -22.93 -29.92 1.43
C SER B 165 -22.01 -29.43 2.54
N THR B 166 -21.54 -30.38 3.35
CA THR B 166 -20.56 -30.05 4.38
C THR B 166 -19.27 -29.54 3.75
N SER B 167 -18.86 -30.14 2.63
CA SER B 167 -17.65 -29.69 1.94
C SER B 167 -17.77 -28.23 1.52
N ALA B 168 -18.87 -27.87 0.84
CA ALA B 168 -19.04 -26.49 0.41
C ALA B 168 -19.17 -25.54 1.59
N THR B 169 -19.77 -26.01 2.70
CA THR B 169 -19.90 -25.17 3.88
C THR B 169 -18.55 -24.91 4.53
N VAL B 170 -17.74 -25.97 4.68
CA VAL B 170 -16.41 -25.81 5.26
C VAL B 170 -15.56 -24.91 4.38
N LYS B 171 -15.63 -25.10 3.05
CA LYS B 171 -14.82 -24.29 2.15
C LYS B 171 -15.16 -22.81 2.26
N SER B 172 -16.43 -22.50 2.47
CA SER B 172 -16.83 -21.09 2.57
C SER B 172 -16.62 -20.53 3.96
N LEU B 173 -16.88 -21.33 5.00
CA LEU B 173 -16.65 -20.86 6.36
C LEU B 173 -15.17 -20.79 6.70
N ASN B 174 -14.31 -21.52 5.98
CA ASN B 174 -12.87 -21.36 6.17
C ASN B 174 -12.42 -19.96 5.75
N VAL B 175 -13.04 -19.40 4.72
CA VAL B 175 -12.74 -18.03 4.33
C VAL B 175 -13.20 -17.06 5.41
N LEU B 176 -14.41 -17.26 5.94
CA LEU B 176 -14.92 -16.37 6.97
C LEU B 176 -14.15 -16.52 8.27
N THR B 177 -13.87 -17.75 8.69
CA THR B 177 -13.15 -17.99 9.94
C THR B 177 -11.67 -17.63 9.83
N SER B 178 -11.18 -17.25 8.65
CA SER B 178 -9.87 -16.65 8.53
C SER B 178 -9.90 -15.15 8.76
N ILE B 179 -11.08 -14.58 8.96
CA ILE B 179 -11.24 -13.17 9.31
C ILE B 179 -11.71 -13.01 10.75
N ALA B 180 -12.71 -13.80 11.16
CA ALA B 180 -13.21 -13.75 12.53
C ALA B 180 -13.88 -15.08 12.84
N ILE B 181 -13.71 -15.56 14.06
CA ILE B 181 -14.25 -16.84 14.50
C ILE B 181 -15.39 -16.57 15.47
N PRO B 182 -16.57 -17.12 15.24
CA PRO B 182 -17.67 -16.94 16.19
C PRO B 182 -17.55 -17.92 17.36
N LYS B 183 -18.10 -17.50 18.50
CA LYS B 183 -18.19 -18.41 19.64
C LYS B 183 -19.17 -19.54 19.34
N VAL B 184 -20.29 -19.22 18.72
CA VAL B 184 -21.37 -20.15 18.47
C VAL B 184 -21.83 -20.00 17.02
N ILE B 185 -22.11 -21.11 16.36
CA ILE B 185 -22.74 -21.12 15.05
C ILE B 185 -24.11 -21.75 15.20
N HIS B 186 -25.15 -21.01 14.81
CA HIS B 186 -26.52 -21.50 14.88
C HIS B 186 -27.04 -21.82 13.49
N SER B 187 -27.77 -22.92 13.38
CA SER B 187 -28.36 -23.33 12.12
C SER B 187 -29.49 -24.31 12.39
N ASP B 188 -30.23 -24.64 11.33
CA ASP B 188 -31.24 -25.68 11.44
C ASP B 188 -30.58 -27.05 11.27
N GLN B 189 -31.38 -28.10 11.39
CA GLN B 189 -30.89 -29.47 11.33
C GLN B 189 -30.59 -29.94 9.91
N GLY B 190 -30.11 -29.04 9.05
CA GLY B 190 -29.74 -29.43 7.72
C GLY B 190 -28.59 -30.43 7.73
N ALA B 191 -28.54 -31.25 6.68
CA ALA B 191 -27.55 -32.32 6.64
C ALA B 191 -26.13 -31.78 6.64
N ALA B 192 -25.90 -30.68 5.92
CA ALA B 192 -24.56 -30.10 5.86
C ALA B 192 -24.07 -29.61 7.22
N PHE B 193 -24.98 -29.30 8.14
CA PHE B 193 -24.59 -28.77 9.45
C PHE B 193 -24.58 -29.82 10.54
N THR B 194 -25.38 -30.88 10.43
CA THR B 194 -25.42 -31.91 11.44
C THR B 194 -24.49 -33.08 11.14
N SER B 195 -23.68 -32.98 10.09
CA SER B 195 -22.73 -34.03 9.78
C SER B 195 -21.62 -34.08 10.81
N SER B 196 -21.00 -35.26 10.94
CA SER B 196 -19.88 -35.42 11.85
C SER B 196 -18.64 -34.68 11.35
N THR B 197 -18.51 -34.52 10.03
CA THR B 197 -17.39 -33.74 9.50
C THR B 197 -17.50 -32.28 9.91
N PHE B 198 -18.68 -31.69 9.78
CA PHE B 198 -18.85 -30.30 10.19
C PHE B 198 -18.70 -30.14 11.71
N ALA B 199 -19.10 -31.16 12.48
CA ALA B 199 -18.91 -31.09 13.93
C ALA B 199 -17.44 -31.10 14.30
N GLU B 200 -16.64 -31.94 13.64
CA GLU B 200 -15.20 -31.95 13.87
C GLU B 200 -14.58 -30.63 13.43
N TRP B 201 -15.06 -30.06 12.32
CA TRP B 201 -14.55 -28.77 11.86
C TRP B 201 -14.80 -27.68 12.91
N ALA B 202 -16.00 -27.67 13.50
CA ALA B 202 -16.31 -26.67 14.51
C ALA B 202 -15.52 -26.90 15.79
N LYS B 203 -15.31 -28.17 16.15
CA LYS B 203 -14.57 -28.48 17.37
C LYS B 203 -13.11 -28.08 17.23
N GLU B 204 -12.53 -28.24 16.05
CA GLU B 204 -11.14 -27.87 15.81
C GLU B 204 -10.91 -26.36 15.94
N ARG B 205 -11.95 -25.55 15.78
CA ARG B 205 -11.83 -24.10 15.90
C ARG B 205 -12.46 -23.56 17.17
N GLY B 206 -12.83 -24.43 18.10
CA GLY B 206 -13.46 -23.99 19.33
C GLY B 206 -14.83 -23.40 19.14
N ILE B 207 -15.55 -23.79 18.09
CA ILE B 207 -16.85 -23.23 17.76
C ILE B 207 -17.93 -24.18 18.26
N HIS B 208 -18.77 -23.71 19.17
CA HIS B 208 -19.89 -24.49 19.65
C HIS B 208 -21.01 -24.49 18.62
N LEU B 209 -21.49 -25.67 18.26
CA LEU B 209 -22.61 -25.80 17.34
C LEU B 209 -23.92 -25.79 18.12
N GLU B 210 -24.92 -25.12 17.55
CA GLU B 210 -26.22 -24.95 18.21
C GLU B 210 -27.30 -25.07 17.14
N PHE B 211 -28.20 -26.02 17.33
CA PHE B 211 -29.21 -26.33 16.32
C PHE B 211 -30.59 -25.97 16.83
N SER B 212 -31.43 -25.50 15.92
CA SER B 212 -32.84 -25.31 16.23
C SER B 212 -33.57 -26.65 16.13
N THR B 213 -34.68 -26.74 16.84
CA THR B 213 -35.49 -27.95 16.80
C THR B 213 -35.96 -28.22 15.36
N PRO B 214 -35.92 -29.46 14.90
CA PRO B 214 -36.42 -29.77 13.55
C PRO B 214 -37.84 -29.27 13.36
N TYR B 215 -38.08 -28.64 12.20
CA TYR B 215 -39.35 -28.04 11.81
C TYR B 215 -39.74 -26.86 12.69
N HIS B 216 -38.84 -26.40 13.56
CA HIS B 216 -39.08 -25.21 14.39
C HIS B 216 -37.86 -24.29 14.26
N PRO B 217 -37.74 -23.58 13.14
CA PRO B 217 -36.58 -22.69 12.95
C PRO B 217 -36.58 -21.57 13.99
N GLN B 218 -35.49 -21.50 14.75
CA GLN B 218 -35.33 -20.49 15.80
C GLN B 218 -34.09 -19.66 15.50
N SER B 219 -34.26 -18.35 15.45
CA SER B 219 -33.15 -17.43 15.25
C SER B 219 -33.24 -16.26 16.22
N SER B 220 -33.37 -15.06 15.70
CA SER B 220 -33.72 -13.89 16.49
C SER B 220 -34.54 -12.94 15.61
N GLY B 221 -35.29 -12.06 16.26
CA GLY B 221 -36.05 -11.07 15.52
C GLY B 221 -35.20 -10.31 14.51
N LYS B 222 -34.01 -9.87 14.93
CA LYS B 222 -33.12 -9.17 14.01
C LYS B 222 -32.67 -10.08 12.88
N VAL B 223 -32.34 -11.33 13.20
CA VAL B 223 -31.86 -12.26 12.19
C VAL B 223 -33.00 -12.71 11.28
N GLU B 224 -34.17 -12.99 11.86
CA GLU B 224 -35.33 -13.35 11.04
C GLU B 224 -35.62 -12.27 10.01
N ARG B 225 -35.71 -11.01 10.45
CA ARG B 225 -35.96 -9.91 9.52
C ARG B 225 -34.80 -9.73 8.54
N LYS B 226 -33.56 -9.99 8.98
CA LYS B 226 -32.42 -9.89 8.07
C LYS B 226 -32.50 -10.95 6.97
N ASN B 227 -32.77 -12.20 7.34
CA ASN B 227 -32.93 -13.25 6.34
C ASN B 227 -34.12 -12.98 5.43
N SER B 228 -35.16 -12.33 5.95
CA SER B 228 -36.27 -11.92 5.10
C SER B 228 -35.81 -10.93 4.03
N ASP B 229 -35.06 -9.90 4.46
CA ASP B 229 -34.57 -8.92 3.50
C ASP B 229 -33.70 -9.56 2.43
N ILE B 230 -32.89 -10.56 2.83
CA ILE B 230 -31.99 -11.20 1.87
C ILE B 230 -32.79 -11.96 0.81
N LYS B 231 -33.74 -12.78 1.24
CA LYS B 231 -34.55 -13.54 0.29
C LYS B 231 -35.34 -12.61 -0.63
N ARG B 232 -35.84 -11.50 -0.10
CA ARG B 232 -36.59 -10.57 -0.94
C ARG B 232 -35.66 -9.80 -1.87
N LEU B 233 -34.52 -9.33 -1.35
CA LEU B 233 -33.60 -8.56 -2.18
C LEU B 233 -32.99 -9.42 -3.28
N LEU B 234 -32.77 -10.71 -3.01
CA LEU B 234 -32.27 -11.60 -4.06
C LEU B 234 -33.28 -11.73 -5.19
N THR B 235 -34.56 -11.86 -4.85
CA THR B 235 -35.59 -12.05 -5.88
C THR B 235 -35.71 -10.80 -6.76
N LYS B 236 -35.61 -9.61 -6.16
CA LYS B 236 -35.80 -8.39 -6.93
C LYS B 236 -34.76 -8.23 -8.02
N LEU B 237 -33.54 -8.71 -7.79
CA LEU B 237 -32.48 -8.64 -8.78
C LEU B 237 -32.31 -9.93 -9.57
N LEU B 238 -32.98 -11.02 -9.16
CA LEU B 238 -32.99 -12.22 -9.99
C LEU B 238 -33.80 -12.02 -11.26
N VAL B 239 -34.92 -11.30 -11.17
CA VAL B 239 -35.75 -11.10 -12.35
C VAL B 239 -34.98 -10.27 -13.38
N GLY B 240 -35.16 -10.61 -14.66
CA GLY B 240 -34.43 -9.99 -15.76
C GLY B 240 -33.03 -10.56 -16.02
N ARG B 241 -32.33 -10.95 -14.97
CA ARG B 241 -30.98 -11.52 -15.06
C ARG B 241 -30.85 -12.65 -14.05
N PRO B 242 -31.56 -13.77 -14.28
CA PRO B 242 -31.56 -14.85 -13.29
C PRO B 242 -30.25 -15.63 -13.24
N THR B 243 -29.34 -15.44 -14.21
CA THR B 243 -28.09 -16.18 -14.26
C THR B 243 -26.88 -15.28 -14.08
N LYS B 244 -27.08 -14.08 -13.51
CA LYS B 244 -25.99 -13.13 -13.32
C LYS B 244 -25.93 -12.63 -11.88
N TRP B 245 -26.44 -13.42 -10.94
CA TRP B 245 -26.46 -13.00 -9.54
C TRP B 245 -25.12 -13.24 -8.84
N TYR B 246 -24.25 -14.08 -9.40
CA TYR B 246 -22.94 -14.29 -8.79
C TYR B 246 -22.14 -13.01 -8.75
N ASP B 247 -22.19 -12.23 -9.84
CA ASP B 247 -21.49 -10.95 -9.91
C ASP B 247 -22.10 -9.90 -8.99
N LEU B 248 -23.35 -10.10 -8.55
CA LEU B 248 -24.05 -9.14 -7.73
C LEU B 248 -23.95 -9.39 -6.24
N LEU B 249 -23.44 -10.56 -5.83
CA LEU B 249 -23.28 -10.83 -4.41
C LEU B 249 -22.44 -9.78 -3.68
N PRO B 250 -21.35 -9.23 -4.22
CA PRO B 250 -20.66 -8.15 -3.50
C PRO B 250 -21.55 -6.96 -3.18
N VAL B 251 -22.29 -6.45 -4.15
CA VAL B 251 -23.09 -5.25 -3.90
C VAL B 251 -24.30 -5.56 -3.03
N VAL B 252 -24.78 -6.81 -3.03
CA VAL B 252 -25.89 -7.16 -2.14
C VAL B 252 -25.45 -7.11 -0.68
N GLN B 253 -24.25 -7.61 -0.38
CA GLN B 253 -23.75 -7.54 0.99
C GLN B 253 -23.60 -6.10 1.46
N LEU B 254 -23.11 -5.22 0.58
CA LEU B 254 -22.96 -3.82 0.93
C LEU B 254 -24.30 -3.21 1.29
N ALA B 255 -25.35 -3.52 0.51
CA ALA B 255 -26.68 -2.99 0.80
C ALA B 255 -27.20 -3.53 2.13
N LEU B 256 -27.11 -4.85 2.33
CA LEU B 256 -27.60 -5.44 3.57
C LEU B 256 -26.87 -4.90 4.78
N ASN B 257 -25.54 -4.77 4.68
CA ASN B 257 -24.73 -4.33 5.81
C ASN B 257 -24.75 -2.82 6.00
N ASN B 258 -25.28 -2.06 5.04
CA ASN B 258 -25.48 -0.62 5.21
C ASN B 258 -26.96 -0.27 5.25
N THR B 259 -27.82 -1.24 5.58
CA THR B 259 -29.25 -0.99 5.74
C THR B 259 -29.53 -0.53 7.16
N TYR B 260 -30.20 0.61 7.29
CA TYR B 260 -30.51 1.17 8.60
C TYR B 260 -31.42 0.23 9.38
N SER B 261 -30.99 -0.09 10.60
CA SER B 261 -31.77 -0.96 11.49
C SER B 261 -32.68 -0.11 12.36
N PRO B 262 -34.01 -0.24 12.25
CA PRO B 262 -34.89 0.61 13.07
C PRO B 262 -34.79 0.33 14.57
N VAL B 263 -34.51 -0.91 14.95
CA VAL B 263 -34.49 -1.26 16.38
C VAL B 263 -33.26 -0.69 17.06
N LEU B 264 -32.10 -0.84 16.44
CA LEU B 264 -30.85 -0.38 17.03
C LEU B 264 -30.42 1.00 16.56
N LYS B 265 -31.07 1.55 15.53
CA LYS B 265 -30.75 2.87 14.98
C LYS B 265 -29.30 2.94 14.51
N TYR B 266 -28.75 1.81 14.08
CA TYR B 266 -27.42 1.75 13.49
C TYR B 266 -27.39 0.64 12.45
N THR B 267 -26.62 0.85 11.38
CA THR B 267 -26.46 -0.17 10.37
C THR B 267 -25.53 -1.28 10.87
N PRO B 268 -25.57 -2.46 10.26
CA PRO B 268 -24.61 -3.51 10.65
C PRO B 268 -23.17 -3.08 10.48
N HIS B 269 -22.86 -2.27 9.46
CA HIS B 269 -21.50 -1.77 9.28
C HIS B 269 -21.07 -0.92 10.47
N GLN B 270 -21.94 0.00 10.90
CA GLN B 270 -21.60 0.87 12.01
C GLN B 270 -21.45 0.07 13.31
N LEU B 271 -22.27 -0.96 13.50
CA LEU B 271 -22.19 -1.75 14.71
C LEU B 271 -20.95 -2.64 14.74
N LEU B 272 -20.47 -3.06 13.57
CA LEU B 272 -19.31 -3.93 13.50
C LEU B 272 -17.99 -3.16 13.57
N PHE B 273 -17.93 -2.00 12.92
CA PHE B 273 -16.68 -1.24 12.84
C PHE B 273 -16.66 0.04 13.67
N GLY B 274 -17.81 0.49 14.17
CA GLY B 274 -17.83 1.72 14.94
C GLY B 274 -17.56 2.97 14.15
N ILE B 275 -17.81 2.95 12.84
CA ILE B 275 -17.61 4.09 11.96
C ILE B 275 -18.72 4.12 10.93
N ASP B 276 -18.85 5.27 10.26
CA ASP B 276 -19.75 5.37 9.13
C ASP B 276 -19.10 4.76 7.89
N SER B 277 -19.94 4.31 6.96
CA SER B 277 -19.46 3.67 5.75
C SER B 277 -19.24 4.69 4.65
N ASN B 278 -18.28 4.40 3.77
CA ASN B 278 -18.03 5.24 2.61
C ASN B 278 -19.07 5.05 1.51
N THR B 279 -19.94 4.05 1.64
CA THR B 279 -21.04 3.84 0.72
C THR B 279 -22.32 3.74 1.53
N PRO B 280 -22.88 4.87 1.95
CA PRO B 280 -24.18 4.84 2.62
C PRO B 280 -25.30 4.60 1.63
N PHE B 281 -26.32 3.87 2.07
CA PHE B 281 -27.45 3.50 1.23
C PHE B 281 -28.69 4.22 1.76
N ALA B 282 -28.82 5.49 1.40
CA ALA B 282 -30.00 6.27 1.78
C ALA B 282 -31.17 5.97 0.85
N ASN B 283 -30.97 6.12 -0.46
CA ASN B 283 -31.99 5.79 -1.45
C ASN B 283 -32.01 4.28 -1.63
N GLN B 284 -32.85 3.61 -0.85
CA GLN B 284 -32.97 2.16 -0.95
CA GLN B 284 -32.99 2.16 -0.91
C GLN B 284 -34.08 1.78 -1.91
N ASP B 285 -34.03 0.52 -2.35
CA ASP B 285 -35.02 0.01 -3.28
C ASP B 285 -36.37 -0.16 -2.59
N THR B 286 -37.39 -0.45 -3.40
CA THR B 286 -38.72 -0.69 -2.85
C THR B 286 -38.81 -2.02 -2.12
N LEU B 287 -37.92 -2.96 -2.42
CA LEU B 287 -37.93 -4.33 -1.91
C LEU B 287 -39.21 -5.07 -2.25
N ASP B 288 -40.07 -4.49 -3.07
CA ASP B 288 -41.30 -5.10 -3.55
C ASP B 288 -41.26 -5.16 -5.06
N LEU B 289 -41.80 -6.23 -5.63
CA LEU B 289 -41.80 -6.38 -7.08
C LEU B 289 -42.77 -5.40 -7.72
N THR B 290 -42.27 -4.60 -8.66
CA THR B 290 -43.15 -3.76 -9.45
C THR B 290 -44.06 -4.63 -10.31
N ARG B 291 -45.12 -4.02 -10.84
CA ARG B 291 -46.08 -4.77 -11.64
C ARG B 291 -45.45 -5.37 -12.88
N GLU B 292 -44.37 -4.78 -13.39
CA GLU B 292 -43.72 -5.35 -14.57
C GLU B 292 -42.74 -6.46 -14.20
N GLU B 293 -41.96 -6.27 -13.14
CA GLU B 293 -41.09 -7.34 -12.66
C GLU B 293 -41.89 -8.54 -12.20
N GLU B 294 -43.09 -8.32 -11.65
CA GLU B 294 -43.95 -9.41 -11.25
C GLU B 294 -44.41 -10.24 -12.45
N LEU B 295 -44.62 -9.60 -13.60
CA LEU B 295 -45.06 -10.30 -14.79
C LEU B 295 -43.92 -11.11 -15.41
N SER B 296 -42.73 -10.51 -15.51
CA SER B 296 -41.58 -11.20 -16.09
C SER B 296 -40.98 -12.26 -15.16
N LEU B 297 -41.56 -12.46 -13.98
CA LEU B 297 -41.16 -13.53 -13.06
C LEU B 297 -42.06 -14.75 -13.15
N LEU B 298 -43.37 -14.55 -13.29
CA LEU B 298 -44.28 -15.68 -13.44
C LEU B 298 -44.00 -16.45 -14.73
N GLN B 299 -43.43 -15.75 -15.74
CA GLN B 299 -43.08 -16.42 -16.99
C GLN B 299 -41.85 -17.30 -16.83
N GLU B 300 -40.99 -16.99 -15.87
CA GLU B 300 -39.78 -17.78 -15.61
C GLU B 300 -40.07 -18.94 -14.67
MG MG E . 4.93 -3.82 -5.57
MG MG F . 6.57 -4.71 -2.04
ZN ZN G . 34.15 14.30 -16.32
F8 R7N H . 9.65 -3.07 0.51
C7 R7N H . 10.75 -2.32 0.58
C6 R7N H . 10.75 -1.20 1.40
C5 R7N H . 11.89 -0.40 1.47
C4 R7N H . 13.01 -0.73 0.72
C3 R7N H . 13.01 -1.84 -0.10
C2 R7N H . 11.87 -2.64 -0.18
C1 R7N H . 11.88 -3.77 -1.01
O21 R7N H . 8.46 -4.08 -2.42
C16 R7N H . 8.63 -3.83 -3.61
C28 R7N H . 8.04 -2.75 -9.83
C25 R7N H . 6.68 -3.28 -7.90
C26 R7N H . 7.93 -3.01 -8.46
C18 R7N H . 7.68 -3.55 -5.76
C34 R7N H . 7.06 0.87 -13.79
C12 R7N H . 11.01 -3.56 -3.27
C15 R7N H . 9.90 -3.56 -4.11
C19 R7N H . 8.93 -3.28 -6.30
C20 R7N H . 10.02 -3.29 -5.46
C27 R7N H . 9.06 -3.01 -7.66
C29 R7N H . 7.93 -1.25 -10.13
C33 R7N H . 7.63 0.73 -12.37
C36 R7N H . 6.67 3.16 -13.05
C37 R7N H . 6.49 4.59 -13.53
C39 R7N H . 7.85 4.16 -15.42
C40 R7N H . 8.05 2.73 -14.96
F10 R7N H . 11.89 0.68 2.28
N11 R7N H . 10.78 -3.74 -1.98
N22 R7N H . 7.56 -3.82 -4.44
N24 R7N H . 6.58 -3.56 -6.53
N41 R7N H . 6.88 2.27 -14.20
N43 R7N H . 11.23 -3.03 -5.96
O13 R7N H . 12.14 -3.37 -3.74
O23 R7N H . 6.33 -4.08 -3.93
O31 R7N H . 6.47 -1.76 -12.40
O32 R7N H . 8.95 -1.67 -12.65
O42 R7N H . 7.66 5.01 -14.27
S30 R7N H . 7.75 -1.04 -11.95
S SO4 I . 27.31 -2.94 -13.55
O1 SO4 I . 27.78 -4.25 -13.98
O2 SO4 I . 27.89 -1.91 -14.41
O3 SO4 I . 25.86 -2.90 -13.66
O4 SO4 I . 27.71 -2.70 -12.17
S SO4 J . -0.07 13.69 6.33
O1 SO4 J . 0.15 13.18 7.67
O2 SO4 J . 1.11 14.41 5.88
O3 SO4 J . -1.21 14.60 6.34
O4 SO4 J . -0.36 12.58 5.42
S SO4 K . 1.61 -27.90 -3.39
O1 SO4 K . 2.23 -29.21 -3.25
O2 SO4 K . 2.59 -26.87 -3.07
O3 SO4 K . 1.12 -27.73 -4.75
O4 SO4 K . 0.48 -27.80 -2.47
S SO4 L . -5.81 -15.60 -11.15
O1 SO4 L . -5.89 -17.05 -11.28
O2 SO4 L . -4.50 -15.14 -11.62
O3 SO4 L . -6.86 -14.98 -11.95
O4 SO4 L . -5.98 -15.23 -9.75
S SO4 M . 9.52 4.52 15.11
O1 SO4 M . 10.46 3.40 15.16
O2 SO4 M . 10.26 5.78 15.08
O3 SO4 M . 8.70 4.41 13.92
O4 SO4 M . 8.68 4.50 16.30
S SO4 N . 18.94 11.16 -20.30
O1 SO4 N . 18.90 9.72 -20.55
O2 SO4 N . 20.25 11.69 -20.67
O3 SO4 N . 17.91 11.83 -21.07
O4 SO4 N . 18.72 11.40 -18.87
S SO4 O . 47.12 25.98 -6.06
O1 SO4 O . 48.04 25.84 -7.18
O2 SO4 O . 47.53 27.12 -5.24
O3 SO4 O . 45.76 26.20 -6.55
O4 SO4 O . 47.15 24.77 -5.24
S SO4 P . 6.14 15.51 13.05
O1 SO4 P . 6.56 15.48 14.45
O2 SO4 P . 7.26 15.94 12.23
O3 SO4 P . 5.71 14.17 12.65
O4 SO4 P . 5.03 16.44 12.90
S SO4 Q . 8.74 9.80 18.91
O1 SO4 Q . 8.90 8.89 17.78
O2 SO4 Q . 9.73 10.87 18.82
O3 SO4 Q . 7.39 10.38 18.88
O4 SO4 Q . 8.93 9.07 20.15
S SO4 R . 14.23 17.98 -21.59
O1 SO4 R . 14.97 16.85 -22.16
O2 SO4 R . 14.86 19.23 -22.01
O3 SO4 R . 12.86 17.94 -22.09
O4 SO4 R . 14.24 17.88 -20.14
S SO4 S . 13.33 -2.59 -9.25
O1 SO4 S . 14.01 -3.86 -9.52
O2 SO4 S . 14.30 -1.50 -9.28
O3 SO4 S . 12.30 -2.38 -10.25
O4 SO4 S . 12.72 -2.65 -7.93
S SO4 T . 5.20 -5.77 -12.48
O1 SO4 T . 6.00 -6.98 -12.33
O2 SO4 T . 6.08 -4.65 -12.82
O3 SO4 T . 4.23 -5.96 -13.56
O4 SO4 T . 4.50 -5.48 -11.24
S SO4 U . -10.93 10.27 -8.52
O1 SO4 U . -9.60 9.69 -8.38
O2 SO4 U . -10.85 11.71 -8.34
O3 SO4 U . -11.44 9.97 -9.85
O4 SO4 U . -11.82 9.70 -7.51
S SO4 V . -10.07 -3.91 23.08
O1 SO4 V . -8.72 -4.15 23.58
O2 SO4 V . -10.17 -4.41 21.71
O3 SO4 V . -10.35 -2.47 23.10
O4 SO4 V . -11.03 -4.61 23.93
C1 GOL W . 49.18 20.43 -21.36
O1 GOL W . 49.63 21.25 -20.32
C2 GOL W . 50.09 19.18 -21.41
O2 GOL W . 49.40 18.05 -21.83
C3 GOL W . 50.64 19.02 -19.96
O3 GOL W . 51.33 17.82 -19.93
C1 GOL X . 29.30 2.95 -9.72
O1 GOL X . 30.64 3.04 -9.33
C2 GOL X . 29.28 2.84 -11.25
O2 GOL X . 28.59 3.89 -11.84
C3 GOL X . 28.62 1.47 -11.56
O3 GOL X . 28.43 1.40 -12.93
C1 GOL Y . -2.83 -7.04 -17.22
O1 GOL Y . -1.90 -6.87 -16.20
C2 GOL Y . -3.85 -8.09 -16.73
O2 GOL Y . -5.15 -7.60 -16.71
C3 GOL Y . -3.69 -9.28 -17.70
O3 GOL Y . -4.73 -10.15 -17.42
C1 GOL Z . -20.53 5.38 15.22
O1 GOL Z . -20.87 5.30 13.87
C2 GOL Z . -21.60 4.60 16.00
O2 GOL Z . -21.88 3.38 15.42
C3 GOL Z . -21.02 4.45 17.42
O3 GOL Z . -21.92 3.69 18.15
MG MG AA . -31.26 -24.88 6.86
S SO4 BA . -37.65 -27.70 21.80
O1 SO4 BA . -36.96 -28.67 22.64
O2 SO4 BA . -36.68 -26.89 21.08
O3 SO4 BA . -38.52 -28.40 20.86
O4 SO4 BA . -38.47 -26.82 22.65
S SO4 CA . -33.84 -4.81 12.87
O1 SO4 CA . -32.65 -5.32 12.20
O2 SO4 CA . -33.55 -3.51 13.46
O3 SO4 CA . -34.92 -4.68 11.90
O4 SO4 CA . -34.25 -5.73 13.93
C1 GOL DA . -38.22 -9.93 19.01
O1 GOL DA . -38.12 -9.32 17.76
C2 GOL DA . -36.80 -10.41 19.37
O2 GOL DA . -36.37 -9.89 20.59
C3 GOL DA . -36.89 -11.95 19.39
O3 GOL DA . -35.63 -12.41 19.76
C1 GOL EA . 8.03 -0.62 18.11
O1 GOL EA . 8.08 -1.15 19.40
C2 GOL EA . 8.16 0.91 18.25
O2 GOL EA . 9.46 1.28 18.56
C3 GOL EA . 7.73 1.45 16.88
O3 GOL EA . 8.43 0.70 15.93
S SO4 FA . 10.47 -7.45 45.70
O1 SO4 FA . 11.03 -8.79 45.50
O2 SO4 FA . 11.55 -6.48 45.80
O3 SO4 FA . 9.61 -7.11 44.57
O4 SO4 FA . 9.68 -7.42 46.94
#